data_7OPP
#
_entry.id   7OPP
#
_cell.length_a   117.710
_cell.length_b   117.710
_cell.length_c   115.670
_cell.angle_alpha   90.000
_cell.angle_beta   90.000
_cell.angle_gamma   120.000
#
_symmetry.space_group_name_H-M   'P 31 2 1'
#
loop_
_entity.id
_entity.type
_entity.pdbx_description
1 polymer 'Synaptotagmin-like protein 2,Ras-related protein Rab-27A'
2 non-polymer 'PHOSPHOAMINOPHOSPHONIC ACID-GUANYLATE ESTER'
3 non-polymer 'MAGNESIUM ION'
4 water water
#
_entity_poly.entity_id   1
_entity_poly.type   'polypeptide(L)'
_entity_poly.pdbx_seq_one_letter_code
;HMSFLTEEEQEAIMKVLQRDAALKRAEEERDGSGSGSGMSDGDYDYLIKFLALGDSGVGKTSVLYQYTDGKFNSKFITTV
GIDFREKRVVYRASGPDGATGRGQRIHLQLWDTAGLERFRSLTTAFFRDAMGFLLLFDLTNEQSFLNVRNWISQLQMHAY
SENPDIVLCGNKSDLEDQRVVKEEEAIALAEKYGIPYFETSAANGTNISQAIEMLLDLIMKRMERSVDKS
;
_entity_poly.pdbx_strand_id   A,C
#
# COMPACT_ATOMS: atom_id res chain seq x y z
N HIS A 1 7.56 11.65 19.83
CA HIS A 1 6.79 12.52 18.93
C HIS A 1 5.41 11.94 18.58
N MET A 2 4.33 12.60 19.02
CA MET A 2 3.00 12.27 18.57
C MET A 2 2.59 13.14 17.38
N SER A 3 2.10 12.50 16.32
CA SER A 3 1.54 13.18 15.16
C SER A 3 0.02 13.05 15.17
N PHE A 4 -0.64 13.96 14.46
CA PHE A 4 -2.09 13.96 14.42
C PHE A 4 -2.56 14.14 13.00
N LEU A 5 -3.81 13.76 12.77
CA LEU A 5 -4.49 14.03 11.52
C LEU A 5 -5.84 14.59 11.89
N THR A 6 -6.17 15.76 11.34
CA THR A 6 -7.52 16.26 11.56
C THR A 6 -8.49 15.48 10.66
N GLU A 7 -9.78 15.69 10.90
CA GLU A 7 -10.77 15.06 10.04
C GLU A 7 -10.55 15.46 8.59
N GLU A 8 -10.26 16.74 8.36
CA GLU A 8 -10.04 17.22 7.01
C GLU A 8 -8.86 16.50 6.35
N GLU A 9 -7.79 16.25 7.11
CA GLU A 9 -6.62 15.59 6.54
C GLU A 9 -6.89 14.12 6.27
N GLN A 10 -7.56 13.45 7.20
CA GLN A 10 -7.98 12.07 6.97
C GLN A 10 -8.87 12.00 5.74
N GLU A 11 -9.78 12.98 5.59
CA GLU A 11 -10.66 13.04 4.43
C GLU A 11 -9.87 13.17 3.13
N ALA A 12 -8.91 14.08 3.09
CA ALA A 12 -8.08 14.27 1.90
C ALA A 12 -7.32 12.99 1.55
N ILE A 13 -6.78 12.30 2.56
CA ILE A 13 -6.02 11.09 2.30
C ILE A 13 -6.92 10.00 1.73
N MET A 14 -8.11 9.84 2.33
CA MET A 14 -9.02 8.82 1.84
C MET A 14 -9.47 9.11 0.42
N LYS A 15 -9.56 10.39 0.06
CA LYS A 15 -9.93 10.75 -1.31
C LYS A 15 -8.84 10.32 -2.29
N VAL A 16 -7.58 10.51 -1.92
CA VAL A 16 -6.49 10.03 -2.76
C VAL A 16 -6.61 8.53 -2.93
N LEU A 17 -6.86 7.81 -1.84
CA LEU A 17 -6.99 6.35 -1.94
C LEU A 17 -8.20 5.98 -2.80
N GLN A 18 -9.28 6.76 -2.70
CA GLN A 18 -10.45 6.49 -3.52
C GLN A 18 -10.13 6.70 -5.01
N ARG A 19 -9.48 7.82 -5.36
CA ARG A 19 -9.07 8.05 -6.74
C ARG A 19 -8.14 6.93 -7.23
N ASP A 20 -7.24 6.47 -6.37
CA ASP A 20 -6.31 5.43 -6.76
C ASP A 20 -7.04 4.13 -7.11
N ALA A 21 -7.96 3.72 -6.23
CA ALA A 21 -8.71 2.49 -6.49
C ALA A 21 -9.53 2.61 -7.76
N ALA A 22 -10.14 3.77 -8.01
CA ALA A 22 -10.88 3.97 -9.25
C ALA A 22 -9.98 3.87 -10.47
N LEU A 23 -8.77 4.42 -10.39
CA LEU A 23 -7.82 4.32 -11.50
C LEU A 23 -7.47 2.87 -11.78
N LYS A 24 -7.16 2.10 -10.72
CA LYS A 24 -6.76 0.71 -10.93
C LYS A 24 -7.92 -0.12 -11.49
N ARG A 25 -9.15 0.15 -11.04
CA ARG A 25 -10.28 -0.60 -11.56
C ARG A 25 -10.54 -0.30 -13.04
N ALA A 26 -10.27 0.94 -13.47
CA ALA A 26 -10.44 1.28 -14.88
C ALA A 26 -9.34 0.70 -15.76
N GLU A 27 -8.16 0.41 -15.18
CA GLU A 27 -7.16 -0.31 -15.95
C GLU A 27 -7.55 -1.77 -16.14
N GLU A 28 -8.26 -2.34 -15.16
CA GLU A 28 -8.72 -3.72 -15.28
C GLU A 28 -9.67 -3.92 -16.45
N GLU A 29 -10.34 -2.85 -16.90
CA GLU A 29 -11.15 -2.93 -18.10
C GLU A 29 -10.28 -2.79 -19.36
N ARG A 30 -9.82 -1.57 -19.64
CA ARG A 30 -8.98 -1.30 -20.81
C ARG A 30 -7.54 -1.05 -20.35
N ASP A 31 -6.83 -2.14 -20.06
CA ASP A 31 -5.43 -2.06 -19.62
C ASP A 31 -4.49 -1.61 -20.73
N ASP A 43 -7.11 2.77 -23.07
CA ASP A 43 -6.73 3.67 -24.14
C ASP A 43 -5.20 3.84 -24.21
N TYR A 44 -4.48 2.86 -23.67
CA TYR A 44 -3.03 2.90 -23.59
C TYR A 44 -2.51 1.47 -23.51
N ASP A 45 -1.18 1.32 -23.46
CA ASP A 45 -0.55 0.02 -23.46
C ASP A 45 -0.05 -0.43 -22.09
N TYR A 46 0.38 0.51 -21.23
CA TYR A 46 0.79 0.16 -19.89
C TYR A 46 0.40 1.27 -18.92
N LEU A 47 0.02 0.88 -17.70
CA LEU A 47 -0.02 1.79 -16.57
C LEU A 47 1.33 1.71 -15.88
N ILE A 48 2.09 2.81 -15.88
CA ILE A 48 3.42 2.81 -15.28
C ILE A 48 3.39 3.73 -14.06
N LYS A 49 3.87 3.22 -12.94
CA LYS A 49 3.78 3.91 -11.65
C LYS A 49 5.17 4.15 -11.08
N PHE A 50 5.43 5.37 -10.64
CA PHE A 50 6.64 5.59 -9.85
C PHE A 50 6.32 6.57 -8.73
N LEU A 51 7.29 6.76 -7.84
CA LEU A 51 7.01 7.44 -6.59
C LEU A 51 8.15 8.39 -6.27
N ALA A 52 7.82 9.64 -5.95
CA ALA A 52 8.82 10.62 -5.56
C ALA A 52 8.95 10.65 -4.04
N LEU A 53 10.19 10.69 -3.55
CA LEU A 53 10.45 10.74 -2.12
C LEU A 53 11.73 11.53 -1.85
N GLY A 54 11.95 11.85 -0.56
CA GLY A 54 13.04 12.71 -0.13
C GLY A 54 12.56 13.68 0.93
N ASP A 55 13.46 14.45 1.55
CA ASP A 55 13.10 15.30 2.69
C ASP A 55 11.99 16.27 2.33
N SER A 56 11.26 16.69 3.36
CA SER A 56 10.28 17.74 3.21
C SER A 56 10.94 19.03 2.73
N GLY A 57 10.29 19.68 1.77
CA GLY A 57 10.79 20.94 1.29
C GLY A 57 11.73 20.85 0.10
N VAL A 58 12.14 19.65 -0.32
CA VAL A 58 13.11 19.59 -1.40
C VAL A 58 12.48 19.85 -2.78
N GLY A 59 11.16 19.69 -2.93
CA GLY A 59 10.51 20.07 -4.17
C GLY A 59 9.85 18.95 -4.94
N LYS A 60 9.50 17.87 -4.24
CA LYS A 60 8.87 16.72 -4.89
C LYS A 60 7.57 17.13 -5.57
N THR A 61 6.69 17.79 -4.83
CA THR A 61 5.41 18.19 -5.40
C THR A 61 5.60 19.16 -6.57
N SER A 62 6.50 20.14 -6.43
CA SER A 62 6.76 21.09 -7.50
C SER A 62 7.33 20.40 -8.75
N VAL A 63 8.24 19.45 -8.55
CA VAL A 63 8.84 18.74 -9.70
C VAL A 63 7.76 18.00 -10.49
N LEU A 64 6.87 17.30 -9.80
CA LEU A 64 5.83 16.54 -10.50
C LEU A 64 4.85 17.49 -11.22
N TYR A 65 4.51 18.60 -10.57
CA TYR A 65 3.58 19.58 -11.15
C TYR A 65 4.22 20.28 -12.35
N GLN A 66 5.52 20.61 -12.25
CA GLN A 66 6.21 21.17 -13.43
C GLN A 66 6.15 20.17 -14.57
N TYR A 67 6.30 18.88 -14.27
CA TYR A 67 6.33 17.87 -15.32
C TYR A 67 4.96 17.67 -15.97
N THR A 68 3.89 17.58 -15.17
CA THR A 68 2.60 17.27 -15.76
C THR A 68 1.90 18.49 -16.34
N ASP A 69 2.11 19.69 -15.78
CA ASP A 69 1.37 20.88 -16.18
C ASP A 69 2.24 22.05 -16.64
N GLY A 70 3.56 21.96 -16.53
CA GLY A 70 4.40 23.09 -16.88
C GLY A 70 4.15 24.33 -16.03
N LYS A 71 3.79 24.15 -14.76
CA LYS A 71 3.50 25.26 -13.88
C LYS A 71 4.29 25.13 -12.59
N PHE A 72 4.44 26.25 -11.87
CA PHE A 72 5.24 26.29 -10.67
C PHE A 72 4.64 27.31 -9.70
N ASN A 73 4.44 26.89 -8.45
N ASN A 73 4.39 26.89 -8.46
CA ASN A 73 3.91 27.73 -7.39
CA ASN A 73 3.93 27.81 -7.42
C ASN A 73 5.03 28.06 -6.41
C ASN A 73 5.06 28.09 -6.45
N SER A 74 5.17 29.35 -6.06
CA SER A 74 6.18 29.76 -5.07
C SER A 74 5.79 29.33 -3.66
N LYS A 75 4.50 29.32 -3.36
CA LYS A 75 4.02 29.06 -2.01
C LYS A 75 4.23 27.59 -1.63
N PHE A 76 4.79 27.37 -0.44
CA PHE A 76 5.01 26.02 0.10
C PHE A 76 3.70 25.49 0.66
N ILE A 77 3.14 24.47 0.02
CA ILE A 77 1.98 23.76 0.58
C ILE A 77 2.45 22.33 0.81
N THR A 78 2.89 22.04 2.04
CA THR A 78 3.45 20.73 2.39
C THR A 78 2.41 19.65 2.13
N THR A 79 2.86 18.48 1.66
CA THR A 79 1.94 17.46 1.18
C THR A 79 1.28 16.72 2.36
N VAL A 80 -0.02 16.49 2.26
CA VAL A 80 -0.79 15.88 3.37
C VAL A 80 -0.67 14.38 3.19
N GLY A 81 0.45 13.83 3.64
CA GLY A 81 0.70 12.41 3.55
C GLY A 81 1.05 11.90 2.16
N ILE A 82 0.06 11.87 1.27
CA ILE A 82 0.21 11.20 0.00
C ILE A 82 -0.69 11.88 -1.02
N ASP A 83 -0.24 11.91 -2.26
CA ASP A 83 -1.05 12.31 -3.40
C ASP A 83 -0.46 11.67 -4.65
N PHE A 84 -1.16 11.79 -5.78
CA PHE A 84 -0.55 11.40 -7.05
C PHE A 84 -1.08 12.27 -8.19
N ARG A 85 -0.28 12.33 -9.25
CA ARG A 85 -0.68 12.99 -10.50
C ARG A 85 -0.66 11.96 -11.62
N GLU A 86 -1.19 12.36 -12.79
CA GLU A 86 -1.26 11.51 -13.96
C GLU A 86 -0.74 12.24 -15.19
N LYS A 87 -0.17 11.48 -16.11
CA LYS A 87 0.22 12.01 -17.41
C LYS A 87 0.17 10.88 -18.43
N ARG A 88 -0.26 11.23 -19.65
CA ARG A 88 -0.23 10.31 -20.77
C ARG A 88 0.92 10.71 -21.69
N VAL A 89 1.85 9.80 -21.92
CA VAL A 89 3.03 10.09 -22.70
C VAL A 89 3.22 8.95 -23.69
N VAL A 90 4.03 9.21 -24.71
CA VAL A 90 4.42 8.20 -25.68
C VAL A 90 5.86 7.83 -25.40
N TYR A 91 6.12 6.53 -25.26
CA TYR A 91 7.46 6.04 -24.98
C TYR A 91 7.98 5.29 -26.18
N ARG A 92 9.21 5.59 -26.57
CA ARG A 92 9.86 4.89 -27.67
C ARG A 92 11.07 4.14 -27.11
N ALA A 93 11.15 2.84 -27.40
CA ALA A 93 12.25 2.03 -26.87
C ALA A 93 13.57 2.69 -27.22
N SER A 94 14.25 3.24 -26.21
CA SER A 94 15.46 4.04 -26.46
C SER A 94 16.52 3.22 -27.17
N GLY A 95 17.19 3.87 -28.12
CA GLY A 95 18.07 3.21 -29.05
C GLY A 95 17.54 3.37 -30.46
N PRO A 96 18.02 2.53 -31.39
CA PRO A 96 17.51 2.55 -32.78
C PRO A 96 16.12 1.92 -32.91
N ASP A 97 15.13 2.57 -32.32
CA ASP A 97 13.76 2.05 -32.25
C ASP A 97 13.10 1.91 -33.62
N GLY A 103 6.31 3.35 -30.84
CA GLY A 103 5.68 4.22 -29.86
C GLY A 103 4.64 3.51 -29.01
N GLN A 104 4.92 3.40 -27.71
CA GLN A 104 3.98 2.83 -26.76
C GLN A 104 3.30 3.96 -25.96
N ARG A 105 1.99 3.91 -25.88
CA ARG A 105 1.24 4.87 -25.08
C ARG A 105 1.32 4.47 -23.62
N ILE A 106 1.80 5.39 -22.79
CA ILE A 106 2.04 5.12 -21.38
C ILE A 106 1.11 6.00 -20.56
N HIS A 107 0.33 5.37 -19.68
CA HIS A 107 -0.41 6.08 -18.66
C HIS A 107 0.47 6.10 -17.42
N LEU A 108 0.99 7.28 -17.07
CA LEU A 108 1.84 7.43 -15.89
C LEU A 108 0.99 7.76 -14.69
N GLN A 109 1.25 7.07 -13.57
CA GLN A 109 0.78 7.48 -12.25
C GLN A 109 1.99 7.89 -11.43
N LEU A 110 2.03 9.15 -11.00
CA LEU A 110 3.18 9.73 -10.31
C LEU A 110 2.84 9.91 -8.83
N TRP A 111 3.26 8.99 -7.98
CA TRP A 111 2.98 9.12 -6.55
C TRP A 111 3.85 10.21 -5.93
N ASP A 112 3.24 11.00 -5.07
CA ASP A 112 3.89 12.12 -4.41
C ASP A 112 3.77 11.89 -2.90
N THR A 113 4.87 11.62 -2.23
CA THR A 113 4.84 11.36 -0.80
C THR A 113 5.31 12.60 -0.03
N ALA A 114 4.75 12.78 1.16
CA ALA A 114 5.29 13.74 2.10
C ALA A 114 6.64 13.29 2.63
N GLY A 115 7.56 14.23 2.81
CA GLY A 115 8.87 13.92 3.37
C GLY A 115 8.95 13.95 4.89
N LEU A 116 8.00 14.60 5.56
CA LEU A 116 8.09 14.72 7.03
C LEU A 116 7.97 13.35 7.69
N GLU A 117 8.76 13.17 8.75
CA GLU A 117 8.85 11.88 9.43
C GLU A 117 7.49 11.40 9.94
N ARG A 118 6.58 12.32 10.26
CA ARG A 118 5.26 11.94 10.76
C ARG A 118 4.45 11.13 9.76
N PHE A 119 4.83 11.12 8.47
CA PHE A 119 4.09 10.39 7.44
C PHE A 119 4.85 9.18 6.94
N ARG A 120 5.95 8.80 7.62
CA ARG A 120 6.84 7.75 7.13
C ARG A 120 6.11 6.43 6.90
N SER A 121 5.30 5.99 7.88
CA SER A 121 4.65 4.68 7.73
C SER A 121 3.58 4.72 6.65
N LEU A 122 2.78 5.79 6.61
CA LEU A 122 1.76 5.90 5.56
C LEU A 122 2.39 5.90 4.16
N THR A 123 3.45 6.71 3.96
CA THR A 123 4.04 6.82 2.62
C THR A 123 4.78 5.55 2.23
N THR A 124 5.48 4.92 3.18
CA THR A 124 6.17 3.65 2.89
C THR A 124 5.17 2.59 2.47
N ALA A 125 3.93 2.67 2.97
CA ALA A 125 2.87 1.74 2.56
C ALA A 125 2.55 1.82 1.07
N PHE A 126 3.03 2.83 0.34
CA PHE A 126 2.78 2.91 -1.09
C PHE A 126 3.97 2.48 -1.94
N PHE A 127 5.10 2.16 -1.31
CA PHE A 127 6.24 1.62 -2.05
C PHE A 127 5.85 0.40 -2.87
N ARG A 128 4.94 -0.43 -2.35
CA ARG A 128 4.52 -1.63 -3.07
C ARG A 128 3.89 -1.31 -4.43
N ASP A 129 3.37 -0.11 -4.62
CA ASP A 129 2.76 0.23 -5.89
C ASP A 129 3.73 0.89 -6.86
N ALA A 130 4.98 1.11 -6.46
CA ALA A 130 5.95 1.87 -7.24
C ALA A 130 6.86 0.95 -8.04
N MET A 131 6.96 1.19 -9.35
CA MET A 131 7.93 0.47 -10.17
C MET A 131 9.30 1.14 -10.19
N GLY A 132 9.41 2.33 -9.63
CA GLY A 132 10.65 3.07 -9.66
C GLY A 132 10.49 4.29 -8.79
N PHE A 133 11.61 4.93 -8.48
CA PHE A 133 11.65 5.98 -7.48
C PHE A 133 12.39 7.18 -8.01
N LEU A 134 11.78 8.35 -7.83
CA LEU A 134 12.41 9.63 -8.11
C LEU A 134 12.84 10.20 -6.77
N LEU A 135 14.14 10.17 -6.49
CA LEU A 135 14.66 10.55 -5.18
C LEU A 135 15.27 11.93 -5.25
N LEU A 136 14.78 12.85 -4.42
CA LEU A 136 15.20 14.24 -4.47
C LEU A 136 15.96 14.66 -3.22
N PHE A 137 16.94 15.53 -3.41
CA PHE A 137 17.46 16.41 -2.38
C PHE A 137 17.43 17.82 -2.94
N ASP A 138 17.76 18.79 -2.09
CA ASP A 138 17.74 20.21 -2.41
C ASP A 138 19.19 20.71 -2.49
N LEU A 139 19.60 21.15 -3.68
CA LEU A 139 20.95 21.67 -3.88
C LEU A 139 21.31 22.80 -2.91
N THR A 140 20.31 23.48 -2.33
CA THR A 140 20.54 24.53 -1.35
C THR A 140 20.49 24.04 0.09
N ASN A 141 20.27 22.76 0.35
CA ASN A 141 20.10 22.24 1.71
C ASN A 141 21.03 21.04 1.89
N GLU A 142 22.18 21.25 2.52
N GLU A 142 22.17 21.27 2.53
CA GLU A 142 23.18 20.17 2.61
CA GLU A 142 23.19 20.23 2.67
C GLU A 142 22.65 18.97 3.39
C GLU A 142 22.65 19.00 3.39
N GLN A 143 21.84 19.20 4.44
CA GLN A 143 21.31 18.07 5.20
C GLN A 143 20.43 17.17 4.33
N SER A 144 19.58 17.76 3.46
CA SER A 144 18.75 16.94 2.58
C SER A 144 19.62 16.07 1.67
N PHE A 145 20.82 16.53 1.34
CA PHE A 145 21.73 15.71 0.57
C PHE A 145 22.35 14.62 1.43
N LEU A 146 22.74 14.97 2.65
CA LEU A 146 23.29 13.97 3.56
C LEU A 146 22.25 12.92 3.93
N ASN A 147 20.97 13.22 3.81
CA ASN A 147 19.97 12.19 4.10
C ASN A 147 19.72 11.26 2.94
N VAL A 148 20.30 11.52 1.75
CA VAL A 148 20.04 10.64 0.61
C VAL A 148 20.45 9.21 0.93
N ARG A 149 21.56 9.05 1.67
N ARG A 149 21.56 9.05 1.67
CA ARG A 149 22.01 7.72 2.05
CA ARG A 149 22.03 7.72 2.06
C ARG A 149 20.94 6.98 2.85
C ARG A 149 20.96 6.98 2.86
N ASN A 150 20.26 7.68 3.76
CA ASN A 150 19.18 7.06 4.53
C ASN A 150 18.00 6.70 3.65
N TRP A 151 17.62 7.58 2.72
CA TRP A 151 16.52 7.28 1.81
C TRP A 151 16.84 6.07 0.97
N ILE A 152 18.10 5.94 0.54
CA ILE A 152 18.47 4.78 -0.27
C ILE A 152 18.40 3.50 0.55
N SER A 153 18.94 3.50 1.77
CA SER A 153 18.83 2.28 2.56
C SER A 153 17.38 1.98 2.93
N GLN A 154 16.54 3.02 3.16
N GLN A 154 16.56 3.01 3.13
CA GLN A 154 15.12 2.77 3.34
CA GLN A 154 15.13 2.76 3.34
C GLN A 154 14.52 2.10 2.10
C GLN A 154 14.49 2.16 2.10
N LEU A 155 14.95 2.54 0.91
CA LEU A 155 14.46 1.91 -0.32
C LEU A 155 14.97 0.47 -0.45
N GLN A 156 16.23 0.23 -0.11
CA GLN A 156 16.73 -1.16 -0.12
CA GLN A 156 16.74 -1.15 -0.12
C GLN A 156 15.88 -2.04 0.78
N MET A 157 15.54 -1.55 1.97
CA MET A 157 14.77 -2.34 2.92
C MET A 157 13.31 -2.47 2.52
N HIS A 158 12.71 -1.43 1.92
CA HIS A 158 11.25 -1.40 1.79
C HIS A 158 10.73 -1.53 0.36
N ALA A 159 11.59 -1.40 -0.65
CA ALA A 159 11.14 -1.66 -2.01
C ALA A 159 10.76 -3.12 -2.16
N TYR A 160 9.92 -3.40 -3.14
CA TYR A 160 9.37 -4.74 -3.32
C TYR A 160 10.10 -5.51 -4.42
N SER A 161 11.26 -5.02 -4.82
CA SER A 161 12.16 -5.79 -5.65
C SER A 161 13.58 -5.55 -5.15
N GLU A 162 14.47 -6.46 -5.53
CA GLU A 162 15.87 -6.26 -5.27
C GLU A 162 16.37 -5.20 -6.24
N ASN A 163 17.27 -4.34 -5.78
CA ASN A 163 17.80 -3.26 -6.62
C ASN A 163 16.72 -2.47 -7.34
N PRO A 164 15.93 -1.67 -6.62
CA PRO A 164 14.90 -0.86 -7.28
C PRO A 164 15.51 0.16 -8.22
N ASP A 165 14.78 0.50 -9.28
CA ASP A 165 15.21 1.59 -10.15
C ASP A 165 15.06 2.94 -9.45
N ILE A 166 16.11 3.76 -9.48
CA ILE A 166 16.14 5.04 -8.79
C ILE A 166 16.79 6.07 -9.69
N VAL A 167 16.18 7.24 -9.80
CA VAL A 167 16.80 8.40 -10.43
C VAL A 167 16.95 9.49 -9.39
N LEU A 168 18.17 9.95 -9.20
CA LEU A 168 18.47 10.96 -8.20
C LEU A 168 18.39 12.35 -8.82
N CYS A 169 17.63 13.25 -8.19
CA CYS A 169 17.57 14.65 -8.63
C CYS A 169 18.05 15.58 -7.54
N GLY A 170 19.03 16.43 -7.89
CA GLY A 170 19.45 17.56 -7.09
C GLY A 170 18.66 18.77 -7.56
N ASN A 171 17.65 19.16 -6.78
CA ASN A 171 16.65 20.12 -7.22
C ASN A 171 17.00 21.53 -6.76
N LYS A 172 16.29 22.50 -7.35
CA LYS A 172 16.47 23.94 -7.11
C LYS A 172 17.78 24.43 -7.73
N SER A 173 18.11 23.91 -8.90
CA SER A 173 19.34 24.33 -9.57
C SER A 173 19.29 25.79 -10.01
N ASP A 174 18.10 26.42 -10.00
CA ASP A 174 17.96 27.81 -10.39
C ASP A 174 18.41 28.77 -9.28
N LEU A 175 18.69 28.27 -8.09
CA LEU A 175 19.07 29.09 -6.95
C LEU A 175 20.58 28.98 -6.73
N GLU A 176 21.33 29.59 -7.66
CA GLU A 176 22.77 29.37 -7.69
C GLU A 176 23.46 30.00 -6.50
N ASP A 177 22.98 31.17 -6.06
CA ASP A 177 23.60 31.86 -4.92
C ASP A 177 23.42 31.07 -3.64
N GLN A 178 22.37 30.27 -3.54
CA GLN A 178 22.13 29.48 -2.35
C GLN A 178 22.68 28.06 -2.44
N ARG A 179 23.30 27.68 -3.56
CA ARG A 179 23.80 26.31 -3.69
C ARG A 179 24.86 26.00 -2.65
N VAL A 180 24.74 24.85 -1.98
CA VAL A 180 25.78 24.43 -1.05
C VAL A 180 26.25 23.01 -1.35
N VAL A 181 25.53 22.25 -2.16
CA VAL A 181 25.96 20.89 -2.48
C VAL A 181 26.86 20.94 -3.71
N LYS A 182 28.09 20.48 -3.55
CA LYS A 182 29.01 20.53 -4.67
C LYS A 182 28.72 19.41 -5.64
N GLU A 183 28.83 19.73 -6.93
CA GLU A 183 28.57 18.75 -7.97
C GLU A 183 29.39 17.49 -7.78
N GLU A 184 30.65 17.64 -7.36
CA GLU A 184 31.55 16.51 -7.17
C GLU A 184 31.02 15.54 -6.12
N GLU A 185 30.46 16.09 -5.03
CA GLU A 185 29.95 15.24 -3.97
C GLU A 185 28.71 14.48 -4.42
N ALA A 186 27.83 15.13 -5.18
CA ALA A 186 26.63 14.45 -5.66
C ALA A 186 27.00 13.40 -6.70
N ILE A 187 27.95 13.73 -7.58
CA ILE A 187 28.44 12.76 -8.55
C ILE A 187 29.03 11.56 -7.84
N ALA A 188 29.80 11.78 -6.77
CA ALA A 188 30.45 10.68 -6.06
C ALA A 188 29.41 9.77 -5.43
N LEU A 189 28.32 10.34 -4.92
CA LEU A 189 27.25 9.52 -4.37
C LEU A 189 26.56 8.73 -5.48
N ALA A 190 26.28 9.36 -6.61
CA ALA A 190 25.58 8.65 -7.67
C ALA A 190 26.41 7.48 -8.20
N GLU A 191 27.73 7.67 -8.32
CA GLU A 191 28.59 6.57 -8.78
C GLU A 191 28.62 5.44 -7.75
N LYS A 192 28.73 5.79 -6.47
CA LYS A 192 28.76 4.78 -5.43
C LYS A 192 27.54 3.87 -5.48
N TYR A 193 26.35 4.44 -5.69
CA TYR A 193 25.16 3.58 -5.75
C TYR A 193 24.79 3.18 -7.17
N GLY A 194 25.55 3.63 -8.17
CA GLY A 194 25.24 3.28 -9.55
C GLY A 194 23.90 3.79 -10.05
N ILE A 195 23.51 5.00 -9.69
CA ILE A 195 22.21 5.55 -10.11
C ILE A 195 22.40 6.80 -10.96
N PRO A 196 21.52 7.05 -11.93
CA PRO A 196 21.61 8.31 -12.67
C PRO A 196 21.34 9.48 -11.76
N TYR A 197 21.89 10.63 -12.14
CA TYR A 197 21.77 11.84 -11.34
C TYR A 197 21.50 12.99 -12.28
N PHE A 198 20.51 13.82 -11.95
CA PHE A 198 20.25 15.05 -12.69
C PHE A 198 20.12 16.20 -11.71
N GLU A 199 20.61 17.37 -12.10
CA GLU A 199 20.34 18.62 -11.39
C GLU A 199 19.16 19.30 -12.06
N THR A 200 18.11 19.56 -11.29
CA THR A 200 16.80 19.94 -11.81
C THR A 200 16.36 21.28 -11.23
N SER A 201 15.41 21.90 -11.91
CA SER A 201 14.70 23.01 -11.32
C SER A 201 13.23 22.87 -11.65
N ALA A 202 12.40 22.79 -10.62
CA ALA A 202 10.95 22.78 -10.82
C ALA A 202 10.45 24.16 -11.18
N ALA A 203 11.21 25.20 -10.85
CA ALA A 203 10.80 26.56 -11.19
C ALA A 203 10.83 26.79 -12.69
N ASN A 204 11.91 26.38 -13.37
CA ASN A 204 12.03 26.66 -14.79
C ASN A 204 12.02 25.43 -15.68
N GLY A 205 11.88 24.24 -15.14
CA GLY A 205 11.77 23.02 -15.95
C GLY A 205 13.07 22.31 -16.25
N THR A 206 14.23 22.90 -15.93
CA THR A 206 15.50 22.31 -16.32
C THR A 206 15.61 20.85 -15.86
N ASN A 207 15.79 19.94 -16.82
CA ASN A 207 16.09 18.52 -16.63
C ASN A 207 14.95 17.73 -15.99
N ILE A 208 13.77 18.32 -15.83
CA ILE A 208 12.65 17.61 -15.23
C ILE A 208 12.22 16.45 -16.12
N SER A 209 11.87 16.77 -17.38
CA SER A 209 11.52 15.75 -18.38
C SER A 209 12.62 14.71 -18.52
N GLN A 210 13.88 15.16 -18.54
CA GLN A 210 14.99 14.24 -18.74
C GLN A 210 15.08 13.23 -17.60
N ALA A 211 14.98 13.71 -16.34
CA ALA A 211 15.09 12.80 -15.21
C ALA A 211 13.94 11.82 -15.18
N ILE A 212 12.71 12.29 -15.42
CA ILE A 212 11.57 11.40 -15.34
C ILE A 212 11.53 10.46 -16.54
N GLU A 213 11.95 10.93 -17.72
CA GLU A 213 12.00 10.03 -18.87
C GLU A 213 13.07 8.97 -18.70
N MET A 214 14.19 9.30 -18.06
CA MET A 214 15.14 8.25 -17.78
C MET A 214 14.56 7.20 -16.84
N LEU A 215 13.82 7.62 -15.81
CA LEU A 215 13.25 6.64 -14.89
C LEU A 215 12.29 5.73 -15.63
N LEU A 216 11.46 6.33 -16.48
CA LEU A 216 10.55 5.54 -17.30
C LEU A 216 11.31 4.56 -18.19
N ASP A 217 12.43 5.02 -18.75
CA ASP A 217 13.27 4.13 -19.56
C ASP A 217 13.79 2.96 -18.74
N LEU A 218 14.29 3.22 -17.54
CA LEU A 218 14.77 2.15 -16.69
C LEU A 218 13.67 1.12 -16.43
N ILE A 219 12.45 1.60 -16.19
CA ILE A 219 11.34 0.70 -15.87
C ILE A 219 10.93 -0.10 -17.10
N MET A 220 10.78 0.58 -18.24
CA MET A 220 10.35 -0.08 -19.46
C MET A 220 11.36 -1.12 -19.91
N LYS A 221 12.65 -0.81 -19.81
CA LYS A 221 13.67 -1.77 -20.23
C LYS A 221 13.73 -2.96 -19.29
N ARG A 222 13.52 -2.73 -18.00
CA ARG A 222 13.51 -3.85 -17.06
C ARG A 222 12.33 -4.77 -17.31
N MET A 223 11.19 -4.22 -17.72
CA MET A 223 10.06 -5.09 -18.03
C MET A 223 10.30 -5.89 -19.30
N GLU A 224 10.80 -5.24 -20.35
CA GLU A 224 11.06 -5.95 -21.61
C GLU A 224 12.03 -7.11 -21.40
N ARG A 225 13.04 -6.92 -20.56
CA ARG A 225 13.98 -8.01 -20.25
C ARG A 225 13.40 -9.06 -19.31
N SER A 226 12.17 -8.89 -18.82
CA SER A 226 11.56 -9.89 -17.93
C SER A 226 10.37 -10.61 -18.58
N HIS B 1 -12.16 9.45 19.54
CA HIS B 1 -11.79 9.09 18.17
C HIS B 1 -11.01 10.19 17.45
N MET B 2 -10.01 10.74 18.15
CA MET B 2 -9.05 11.64 17.52
C MET B 2 -7.96 10.79 16.87
N SER B 3 -7.54 11.19 15.69
CA SER B 3 -6.53 10.44 14.95
C SER B 3 -5.13 10.90 15.33
N PHE B 4 -4.36 10.02 15.97
CA PHE B 4 -2.99 10.30 16.37
C PHE B 4 -2.11 9.08 16.08
N LEU B 5 -0.79 9.34 16.03
CA LEU B 5 0.22 8.30 15.85
C LEU B 5 1.47 8.63 16.67
N THR B 6 1.98 7.66 17.43
CA THR B 6 3.26 7.85 18.10
C THR B 6 4.44 7.32 17.27
N GLU B 7 5.65 7.71 17.71
CA GLU B 7 6.88 7.27 17.05
C GLU B 7 7.10 5.77 17.20
N GLU B 8 6.87 5.23 18.40
CA GLU B 8 7.03 3.80 18.62
C GLU B 8 6.05 3.01 17.76
N GLU B 9 4.84 3.54 17.57
CA GLU B 9 3.86 2.88 16.73
C GLU B 9 4.30 2.89 15.27
N GLN B 10 4.86 4.01 14.79
CA GLN B 10 5.43 4.03 13.43
C GLN B 10 6.52 2.98 13.28
N GLU B 11 7.38 2.86 14.28
CA GLU B 11 8.46 1.87 14.19
C GLU B 11 7.88 0.48 14.03
N ALA B 12 6.85 0.15 14.84
CA ALA B 12 6.24 -1.17 14.73
C ALA B 12 5.61 -1.37 13.36
N ILE B 13 4.94 -0.33 12.84
CA ILE B 13 4.33 -0.44 11.52
C ILE B 13 5.41 -0.63 10.45
N MET B 14 6.50 0.13 10.56
CA MET B 14 7.58 0.01 9.58
C MET B 14 8.21 -1.38 9.61
N LYS B 15 8.24 -2.04 10.78
CA LYS B 15 8.78 -3.41 10.84
C LYS B 15 7.88 -4.37 10.09
N VAL B 16 6.56 -4.21 10.21
CA VAL B 16 5.63 -5.03 9.43
C VAL B 16 5.86 -4.81 7.93
N LEU B 17 6.01 -3.54 7.52
CA LEU B 17 6.25 -3.26 6.11
C LEU B 17 7.58 -3.84 5.66
N GLN B 18 8.59 -3.82 6.53
CA GLN B 18 9.87 -4.42 6.20
C GLN B 18 9.74 -5.94 6.02
N ARG B 19 9.02 -6.59 6.95
CA ARG B 19 8.74 -8.01 6.80
C ARG B 19 7.97 -8.28 5.51
N ASP B 20 6.99 -7.41 5.20
CA ASP B 20 6.17 -7.61 4.01
C ASP B 20 7.02 -7.56 2.75
N ALA B 21 7.87 -6.53 2.62
CA ALA B 21 8.72 -6.41 1.46
C ALA B 21 9.67 -7.59 1.32
N ALA B 22 10.22 -8.08 2.45
CA ALA B 22 11.08 -9.26 2.39
C ALA B 22 10.32 -10.47 1.88
N LEU B 23 9.07 -10.64 2.32
CA LEU B 23 8.26 -11.75 1.84
C LEU B 23 8.02 -11.63 0.33
N LYS B 24 7.64 -10.44 -0.13
CA LYS B 24 7.35 -10.27 -1.56
C LYS B 24 8.62 -10.44 -2.39
N ARG B 25 9.77 -9.98 -1.90
CA ARG B 25 11.00 -10.16 -2.65
C ARG B 25 11.40 -11.63 -2.74
N ALA B 26 11.10 -12.40 -1.69
CA ALA B 26 11.42 -13.82 -1.68
C ALA B 26 10.49 -14.65 -2.55
N GLU B 27 9.27 -14.19 -2.80
CA GLU B 27 8.43 -14.91 -3.75
C GLU B 27 8.92 -14.69 -5.19
N GLU B 28 9.43 -13.48 -5.48
CA GLU B 28 9.97 -13.20 -6.82
C GLU B 28 11.26 -13.97 -7.10
N GLU B 29 12.03 -14.31 -6.07
CA GLU B 29 13.23 -15.13 -6.22
C GLU B 29 12.93 -16.63 -6.23
N GLY B 42 9.63 -23.87 -6.72
CA GLY B 42 9.80 -23.36 -5.37
C GLY B 42 9.34 -24.34 -4.32
N ASP B 43 8.66 -23.83 -3.30
CA ASP B 43 8.02 -24.66 -2.29
C ASP B 43 6.51 -24.52 -2.23
N TYR B 44 5.94 -23.60 -3.01
CA TYR B 44 4.49 -23.51 -3.14
C TYR B 44 4.17 -23.06 -4.58
N ASP B 45 2.88 -23.00 -4.88
CA ASP B 45 2.42 -22.66 -6.23
C ASP B 45 1.89 -21.24 -6.33
N TYR B 46 1.29 -20.71 -5.26
CA TYR B 46 0.78 -19.35 -5.26
C TYR B 46 1.01 -18.71 -3.91
N LEU B 47 1.31 -17.41 -3.92
CA LEU B 47 1.19 -16.58 -2.73
C LEU B 47 -0.21 -15.98 -2.75
N ILE B 48 -1.04 -16.36 -1.79
CA ILE B 48 -2.44 -15.90 -1.72
C ILE B 48 -2.57 -15.00 -0.50
N LYS B 49 -3.13 -13.82 -0.72
CA LYS B 49 -3.21 -12.79 0.29
C LYS B 49 -4.67 -12.43 0.53
N PHE B 50 -5.07 -12.38 1.79
CA PHE B 50 -6.34 -11.77 2.12
C PHE B 50 -6.18 -10.93 3.37
N LEU B 51 -7.23 -10.20 3.71
CA LEU B 51 -7.14 -9.15 4.70
C LEU B 51 -8.37 -9.20 5.60
N ALA B 52 -8.14 -9.16 6.90
CA ALA B 52 -9.22 -9.13 7.87
C ALA B 52 -9.54 -7.69 8.25
N LEU B 53 -10.83 -7.38 8.33
CA LEU B 53 -11.24 -6.06 8.74
C LEU B 53 -12.60 -6.16 9.43
N GLY B 54 -12.99 -5.06 10.07
CA GLY B 54 -14.17 -4.98 10.93
C GLY B 54 -13.88 -4.12 12.15
N ASP B 55 -14.89 -3.81 12.96
CA ASP B 55 -14.72 -2.89 14.09
C ASP B 55 -13.64 -3.37 15.03
N SER B 56 -13.02 -2.43 15.75
CA SER B 56 -12.11 -2.80 16.83
C SER B 56 -12.83 -3.66 17.86
N GLY B 57 -12.15 -4.71 18.33
CA GLY B 57 -12.66 -5.59 19.35
C GLY B 57 -13.45 -6.81 18.87
N VAL B 58 -13.75 -6.93 17.59
CA VAL B 58 -14.59 -8.05 17.15
C VAL B 58 -13.84 -9.38 17.11
N GLY B 59 -12.50 -9.36 17.05
CA GLY B 59 -11.73 -10.59 17.12
C GLY B 59 -10.92 -10.94 15.88
N LYS B 60 -10.57 -9.94 15.06
CA LYS B 60 -9.78 -10.20 13.87
C LYS B 60 -8.44 -10.84 14.20
N THR B 61 -7.67 -10.22 15.11
CA THR B 61 -6.38 -10.79 15.46
C THR B 61 -6.53 -12.18 16.08
N SER B 62 -7.54 -12.35 16.92
CA SER B 62 -7.78 -13.64 17.56
C SER B 62 -8.13 -14.71 16.52
N VAL B 63 -8.98 -14.37 15.55
CA VAL B 63 -9.39 -15.37 14.54
C VAL B 63 -8.17 -15.85 13.74
N LEU B 64 -7.31 -14.91 13.30
CA LEU B 64 -6.15 -15.32 12.51
C LEU B 64 -5.19 -16.15 13.33
N TYR B 65 -4.98 -15.78 14.59
CA TYR B 65 -4.06 -16.51 15.46
C TYR B 65 -4.59 -17.90 15.78
N GLN B 66 -5.89 -18.04 16.00
CA GLN B 66 -6.46 -19.37 16.18
C GLN B 66 -6.25 -20.22 14.95
N TYR B 67 -6.39 -19.60 13.77
CA TYR B 67 -6.27 -20.35 12.53
C TYR B 67 -4.83 -20.79 12.29
N THR B 68 -3.85 -19.92 12.52
CA THR B 68 -2.48 -20.27 12.18
C THR B 68 -1.80 -21.10 13.27
N ASP B 69 -2.17 -20.89 14.54
CA ASP B 69 -1.46 -21.52 15.63
C ASP B 69 -2.33 -22.38 16.54
N GLY B 70 -3.65 -22.38 16.35
CA GLY B 70 -4.52 -23.10 17.26
C GLY B 70 -4.47 -22.60 18.68
N LYS B 71 -4.24 -21.30 18.87
CA LYS B 71 -4.12 -20.71 20.20
C LYS B 71 -5.01 -19.47 20.32
N PHE B 72 -5.26 -19.07 21.56
CA PHE B 72 -6.17 -17.97 21.86
C PHE B 72 -5.70 -17.28 23.12
N ASN B 73 -5.62 -15.95 23.08
CA ASN B 73 -5.28 -15.13 24.24
C ASN B 73 -6.53 -14.37 24.68
N SER B 74 -6.80 -14.36 26.00
CA SER B 74 -7.96 -13.66 26.55
C SER B 74 -7.75 -12.15 26.60
N LYS B 75 -6.53 -11.72 26.83
CA LYS B 75 -6.24 -10.30 26.99
C LYS B 75 -6.35 -9.58 25.64
N PHE B 76 -7.03 -8.43 25.65
CA PHE B 76 -7.19 -7.57 24.48
C PHE B 76 -5.91 -6.74 24.26
N ILE B 77 -5.20 -7.01 23.17
CA ILE B 77 -4.06 -6.19 22.75
C ILE B 77 -4.42 -5.63 21.38
N THR B 78 -4.95 -4.41 21.36
CA THR B 78 -5.42 -3.80 20.12
C THR B 78 -4.28 -3.67 19.10
N THR B 79 -4.60 -3.91 17.84
CA THR B 79 -3.57 -4.00 16.82
C THR B 79 -3.03 -2.61 16.48
N VAL B 80 -1.71 -2.50 16.36
CA VAL B 80 -1.06 -1.19 16.14
C VAL B 80 -1.05 -1.01 14.62
N GLY B 81 -2.17 -0.49 14.11
CA GLY B 81 -2.27 -0.22 12.68
C GLY B 81 -2.47 -1.44 11.80
N ILE B 82 -1.41 -2.24 11.65
CA ILE B 82 -1.42 -3.32 10.66
C ILE B 82 -0.46 -4.41 11.13
N ASP B 83 -0.79 -5.65 10.79
CA ASP B 83 0.14 -6.77 10.96
C ASP B 83 -0.26 -7.84 9.94
N PHE B 84 0.56 -8.88 9.84
CA PHE B 84 0.13 -10.03 9.07
C PHE B 84 0.72 -11.30 9.66
N ARG B 85 0.05 -12.42 9.38
CA ARG B 85 0.53 -13.75 9.70
C ARG B 85 0.66 -14.56 8.40
N GLU B 86 1.27 -15.73 8.53
CA GLU B 86 1.52 -16.62 7.39
C GLU B 86 1.11 -18.04 7.72
N LYS B 87 0.65 -18.75 6.70
CA LYS B 87 0.40 -20.18 6.85
C LYS B 87 0.58 -20.87 5.51
N ARG B 88 1.14 -22.08 5.55
CA ARG B 88 1.29 -22.91 4.37
C ARG B 88 0.22 -23.99 4.41
N VAL B 89 -0.63 -24.02 3.38
CA VAL B 89 -1.74 -24.95 3.35
C VAL B 89 -1.78 -25.63 1.98
N VAL B 90 -2.49 -26.75 1.92
CA VAL B 90 -2.76 -27.46 0.68
C VAL B 90 -4.22 -27.21 0.31
N TYR B 91 -4.44 -26.78 -0.92
CA TYR B 91 -5.77 -26.48 -1.42
C TYR B 91 -6.12 -27.49 -2.52
N ARG B 92 -7.34 -28.04 -2.44
CA ARG B 92 -7.83 -28.95 -3.47
C ARG B 92 -9.06 -28.36 -4.15
N ALA B 93 -9.01 -28.28 -5.48
CA ALA B 93 -10.10 -27.73 -6.29
C ALA B 93 -11.42 -28.44 -6.01
N SER B 94 -12.40 -27.68 -5.49
CA SER B 94 -13.72 -28.20 -5.12
C SER B 94 -13.63 -29.26 -4.04
N THR B 100 -12.15 -35.16 -6.63
CA THR B 100 -11.93 -33.71 -6.67
C THR B 100 -10.70 -33.34 -7.49
N GLY B 101 -9.91 -32.38 -6.98
CA GLY B 101 -8.77 -31.85 -7.68
C GLY B 101 -7.44 -32.16 -7.02
N ARG B 102 -6.38 -31.65 -7.64
CA ARG B 102 -5.01 -31.91 -7.21
C ARG B 102 -4.57 -30.91 -6.16
N GLY B 103 -3.78 -31.39 -5.20
CA GLY B 103 -3.34 -30.56 -4.09
C GLY B 103 -2.37 -29.47 -4.53
N GLN B 104 -2.78 -28.21 -4.39
CA GLN B 104 -1.93 -27.06 -4.67
C GLN B 104 -1.36 -26.53 -3.35
N ARG B 105 -0.04 -26.32 -3.33
CA ARG B 105 0.60 -25.75 -2.15
C ARG B 105 0.38 -24.24 -2.15
N ILE B 106 -0.24 -23.73 -1.09
CA ILE B 106 -0.60 -22.32 -0.99
C ILE B 106 0.16 -21.70 0.16
N HIS B 107 0.88 -20.61 -0.13
CA HIS B 107 1.46 -19.75 0.90
C HIS B 107 0.46 -18.63 1.18
N LEU B 108 -0.13 -18.63 2.38
CA LEU B 108 -1.09 -17.60 2.76
C LEU B 108 -0.38 -16.47 3.46
N GLN B 109 -0.67 -15.24 3.05
CA GLN B 109 -0.34 -14.06 3.83
C GLN B 109 -1.65 -13.48 4.32
N LEU B 110 -1.82 -13.41 5.63
CA LEU B 110 -3.08 -13.04 6.27
C LEU B 110 -2.91 -11.65 6.88
N TRP B 111 -3.39 -10.63 6.16
CA TRP B 111 -3.30 -9.27 6.67
C TRP B 111 -4.31 -9.04 7.80
N ASP B 112 -3.84 -8.35 8.84
CA ASP B 112 -4.63 -8.05 10.04
C ASP B 112 -4.67 -6.53 10.19
N THR B 113 -5.83 -5.92 10.01
CA THR B 113 -5.94 -4.47 10.14
C THR B 113 -6.51 -4.08 11.50
N ALA B 114 -6.06 -2.93 12.00
CA ALA B 114 -6.71 -2.30 13.15
C ALA B 114 -8.10 -1.79 12.77
N GLY B 115 -9.06 -1.95 13.68
CA GLY B 115 -10.40 -1.43 13.42
C GLY B 115 -10.59 0.02 13.85
N LEU B 116 -9.74 0.52 14.75
CA LEU B 116 -9.93 1.89 15.25
C LEU B 116 -9.75 2.90 14.14
N GLU B 117 -10.57 3.94 14.19
CA GLU B 117 -10.58 4.98 13.16
C GLU B 117 -9.23 5.68 13.03
N ARG B 118 -8.45 5.79 14.10
CA ARG B 118 -7.20 6.52 13.95
C ARG B 118 -6.24 5.83 12.98
N PHE B 119 -6.51 4.59 12.59
CA PHE B 119 -5.68 3.87 11.64
C PHE B 119 -6.35 3.69 10.29
N ARG B 120 -7.49 4.37 10.07
CA ARG B 120 -8.31 4.06 8.90
C ARG B 120 -7.54 4.27 7.58
N SER B 121 -6.79 5.37 7.44
CA SER B 121 -6.06 5.61 6.19
C SER B 121 -4.99 4.56 5.96
N LEU B 122 -4.22 4.26 7.01
CA LEU B 122 -3.15 3.28 6.89
C LEU B 122 -3.71 1.93 6.49
N THR B 123 -4.77 1.49 7.16
CA THR B 123 -5.29 0.15 6.86
C THR B 123 -5.90 0.10 5.47
N THR B 124 -6.60 1.16 5.07
CA THR B 124 -7.19 1.18 3.74
C THR B 124 -6.13 1.08 2.65
N ALA B 125 -4.95 1.63 2.90
CA ALA B 125 -3.81 1.52 2.01
C ALA B 125 -3.35 0.09 1.81
N PHE B 126 -3.82 -0.87 2.60
CA PHE B 126 -3.41 -2.25 2.36
C PHE B 126 -4.47 -3.06 1.63
N PHE B 127 -5.65 -2.48 1.39
CA PHE B 127 -6.66 -3.20 0.60
C PHE B 127 -6.11 -3.63 -0.76
N ARG B 128 -5.19 -2.83 -1.34
N ARG B 128 -5.20 -2.84 -1.34
CA ARG B 128 -4.64 -3.11 -2.66
CA ARG B 128 -4.69 -3.14 -2.67
C ARG B 128 -3.87 -4.42 -2.71
C ARG B 128 -3.91 -4.45 -2.71
N ASP B 129 -3.37 -4.89 -1.58
CA ASP B 129 -2.61 -6.13 -1.57
C ASP B 129 -3.50 -7.34 -1.33
N ALA B 130 -4.79 -7.15 -1.13
CA ALA B 130 -5.69 -8.21 -0.72
C ALA B 130 -6.43 -8.77 -1.92
N MET B 131 -6.39 -10.10 -2.07
CA MET B 131 -7.20 -10.79 -3.07
C MET B 131 -8.58 -11.13 -2.55
N GLY B 132 -8.84 -10.92 -1.26
CA GLY B 132 -10.12 -11.28 -0.65
C GLY B 132 -10.14 -10.74 0.76
N PHE B 133 -11.35 -10.71 1.34
CA PHE B 133 -11.55 -10.03 2.60
C PHE B 133 -12.32 -10.90 3.58
N LEU B 134 -11.79 -11.00 4.78
CA LEU B 134 -12.49 -11.64 5.89
C LEU B 134 -13.08 -10.52 6.75
N LEU B 135 -14.39 -10.35 6.67
CA LEU B 135 -15.10 -9.25 7.32
C LEU B 135 -15.77 -9.76 8.59
N LEU B 136 -15.42 -9.18 9.72
CA LEU B 136 -15.89 -9.66 11.02
C LEU B 136 -16.82 -8.67 11.69
N PHE B 137 -17.84 -9.21 12.35
CA PHE B 137 -18.49 -8.50 13.44
C PHE B 137 -18.51 -9.42 14.64
N ASP B 138 -18.96 -8.88 15.75
CA ASP B 138 -19.00 -9.56 17.04
C ASP B 138 -20.47 -9.84 17.35
N LEU B 139 -20.83 -11.12 17.40
CA LEU B 139 -22.21 -11.53 17.71
C LEU B 139 -22.75 -10.94 19.00
N THR B 140 -21.89 -10.52 19.92
CA THR B 140 -22.33 -9.87 21.14
C THR B 140 -22.31 -8.36 21.05
N ASN B 141 -21.95 -7.77 19.90
CA ASN B 141 -21.83 -6.31 19.80
C ASN B 141 -22.67 -5.84 18.60
N GLU B 142 -23.86 -5.31 18.91
CA GLU B 142 -24.81 -4.89 17.87
C GLU B 142 -24.20 -3.82 16.96
N GLN B 143 -23.44 -2.89 17.53
CA GLN B 143 -22.84 -1.82 16.75
C GLN B 143 -21.92 -2.37 15.66
N SER B 144 -21.11 -3.38 16.01
CA SER B 144 -20.22 -3.97 15.03
C SER B 144 -21.00 -4.63 13.89
N PHE B 145 -22.20 -5.12 14.18
CA PHE B 145 -23.03 -5.70 13.12
C PHE B 145 -23.63 -4.61 12.24
N LEU B 146 -24.12 -3.54 12.86
CA LEU B 146 -24.67 -2.43 12.08
C LEU B 146 -23.62 -1.74 11.22
N ASN B 147 -22.33 -1.85 11.59
CA ASN B 147 -21.29 -1.24 10.78
C ASN B 147 -20.88 -2.11 9.60
N VAL B 148 -21.41 -3.34 9.51
CA VAL B 148 -21.00 -4.23 8.43
C VAL B 148 -21.29 -3.60 7.06
N ARG B 149 -22.46 -2.99 6.89
CA ARG B 149 -22.76 -2.40 5.59
C ARG B 149 -21.81 -1.25 5.27
N ASN B 150 -21.37 -0.49 6.28
CA ASN B 150 -20.35 0.52 6.06
C ASN B 150 -19.04 -0.11 5.60
N TRP B 151 -18.61 -1.21 6.24
CA TRP B 151 -17.39 -1.88 5.82
C TRP B 151 -17.52 -2.40 4.40
N ILE B 152 -18.68 -2.94 4.03
CA ILE B 152 -18.85 -3.45 2.67
C ILE B 152 -18.76 -2.29 1.69
N SER B 153 -19.40 -1.18 2.00
CA SER B 153 -19.31 0.00 1.15
C SER B 153 -17.87 0.47 1.03
N GLN B 154 -17.14 0.49 2.15
CA GLN B 154 -15.72 0.86 2.08
C GLN B 154 -14.96 -0.06 1.15
N LEU B 155 -15.25 -1.35 1.20
CA LEU B 155 -14.57 -2.30 0.32
C LEU B 155 -14.92 -2.06 -1.15
N GLN B 156 -16.18 -1.75 -1.43
N GLN B 156 -16.18 -1.71 -1.42
CA GLN B 156 -16.55 -1.47 -2.82
CA GLN B 156 -16.60 -1.46 -2.79
C GLN B 156 -15.80 -0.25 -3.32
C GLN B 156 -15.94 -0.20 -3.35
N MET B 157 -15.72 0.80 -2.50
CA MET B 157 -15.05 2.02 -2.91
C MET B 157 -13.53 1.84 -2.99
N HIS B 158 -12.91 1.03 -2.13
CA HIS B 158 -11.46 1.01 -2.02
C HIS B 158 -10.81 -0.29 -2.46
N ALA B 159 -11.55 -1.37 -2.68
CA ALA B 159 -10.92 -2.55 -3.25
C ALA B 159 -10.45 -2.25 -4.67
N TYR B 160 -9.51 -3.07 -5.14
CA TYR B 160 -8.89 -2.82 -6.43
C TYR B 160 -9.48 -3.72 -7.51
N SER B 161 -10.65 -4.32 -7.22
CA SER B 161 -11.51 -4.98 -8.19
C SER B 161 -12.95 -4.61 -7.87
N GLU B 162 -13.84 -4.80 -8.86
CA GLU B 162 -15.21 -4.30 -8.73
C GLU B 162 -16.04 -5.12 -7.73
N ASN B 163 -15.92 -6.45 -7.75
CA ASN B 163 -16.70 -7.32 -6.86
C ASN B 163 -15.73 -8.13 -6.00
N PRO B 164 -15.13 -7.53 -4.98
CA PRO B 164 -14.17 -8.28 -4.17
C PRO B 164 -14.83 -9.46 -3.48
N ASP B 165 -14.06 -10.53 -3.34
CA ASP B 165 -14.49 -11.69 -2.57
C ASP B 165 -14.49 -11.36 -1.08
N ILE B 166 -15.59 -11.69 -0.40
CA ILE B 166 -15.77 -11.37 1.00
C ILE B 166 -16.38 -12.57 1.70
N VAL B 167 -15.83 -12.95 2.85
CA VAL B 167 -16.50 -13.89 3.74
C VAL B 167 -16.81 -13.18 5.05
N LEU B 168 -18.09 -13.19 5.42
CA LEU B 168 -18.59 -12.54 6.62
C LEU B 168 -18.55 -13.53 7.78
N CYS B 169 -17.95 -13.12 8.88
CA CYS B 169 -17.89 -13.93 10.09
C CYS B 169 -18.55 -13.18 11.24
N GLY B 170 -19.55 -13.81 11.85
CA GLY B 170 -20.07 -13.33 13.11
C GLY B 170 -19.29 -14.06 14.18
N ASN B 171 -18.36 -13.36 14.83
CA ASN B 171 -17.40 -14.01 15.71
C ASN B 171 -17.89 -13.95 17.17
N LYS B 172 -17.21 -14.73 18.03
CA LYS B 172 -17.52 -14.90 19.46
C LYS B 172 -18.80 -15.72 19.66
N SER B 173 -18.97 -16.77 18.86
CA SER B 173 -20.15 -17.62 18.98
C SER B 173 -20.19 -18.39 20.30
N ASP B 174 -19.07 -18.47 21.02
CA ASP B 174 -19.03 -19.16 22.31
C ASP B 174 -19.65 -18.34 23.44
N LEU B 175 -19.99 -17.09 23.20
CA LEU B 175 -20.54 -16.24 24.25
C LEU B 175 -22.05 -16.14 24.06
N GLU B 176 -22.73 -17.24 24.42
CA GLU B 176 -24.15 -17.41 24.08
C GLU B 176 -25.03 -16.46 24.87
N ASP B 177 -24.73 -16.26 26.15
CA ASP B 177 -25.59 -15.39 26.95
C ASP B 177 -25.49 -13.94 26.50
N GLN B 178 -24.35 -13.55 25.94
CA GLN B 178 -24.17 -12.17 25.50
C GLN B 178 -24.55 -11.97 24.05
N ARG B 179 -24.97 -13.02 23.36
CA ARG B 179 -25.32 -12.88 21.96
C ARG B 179 -26.49 -11.91 21.81
N VAL B 180 -26.36 -10.97 20.87
CA VAL B 180 -27.46 -10.06 20.59
C VAL B 180 -27.82 -10.02 19.11
N VAL B 181 -26.94 -10.44 18.21
CA VAL B 181 -27.25 -10.42 16.78
C VAL B 181 -27.99 -11.71 16.44
N LYS B 182 -29.18 -11.58 15.88
CA LYS B 182 -29.96 -12.75 15.57
C LYS B 182 -29.45 -13.38 14.28
N GLU B 183 -29.33 -14.70 14.27
CA GLU B 183 -28.77 -15.39 13.12
C GLU B 183 -29.53 -15.07 11.85
N GLU B 184 -30.87 -14.99 11.95
CA GLU B 184 -31.68 -14.71 10.77
C GLU B 184 -31.32 -13.35 10.17
N GLU B 185 -31.08 -12.35 11.02
CA GLU B 185 -30.75 -11.03 10.51
C GLU B 185 -29.40 -11.05 9.80
N ALA B 186 -28.44 -11.79 10.35
CA ALA B 186 -27.12 -11.85 9.74
C ALA B 186 -27.15 -12.66 8.45
N ILE B 187 -27.88 -13.79 8.44
CA ILE B 187 -28.05 -14.56 7.22
C ILE B 187 -28.67 -13.70 6.13
N ALA B 188 -29.68 -12.91 6.49
CA ALA B 188 -30.36 -12.07 5.51
C ALA B 188 -29.45 -10.98 4.98
N LEU B 189 -28.62 -10.40 5.85
CA LEU B 189 -27.68 -9.39 5.39
C LEU B 189 -26.66 -9.98 4.43
N ALA B 190 -26.12 -11.14 4.78
CA ALA B 190 -25.16 -11.79 3.90
C ALA B 190 -25.80 -12.20 2.58
N GLU B 191 -27.04 -12.68 2.62
CA GLU B 191 -27.72 -13.06 1.38
C GLU B 191 -27.97 -11.84 0.50
N LYS B 192 -28.33 -10.71 1.10
CA LYS B 192 -28.52 -9.49 0.34
C LYS B 192 -27.27 -9.10 -0.45
N TYR B 193 -26.08 -9.31 0.13
CA TYR B 193 -24.84 -8.98 -0.58
C TYR B 193 -24.24 -10.16 -1.30
N GLY B 194 -24.87 -11.33 -1.25
CA GLY B 194 -24.30 -12.51 -1.88
C GLY B 194 -22.97 -12.95 -1.33
N ILE B 195 -22.77 -12.85 -0.01
CA ILE B 195 -21.50 -13.29 0.57
C ILE B 195 -21.73 -14.43 1.55
N PRO B 196 -20.83 -15.40 1.61
CA PRO B 196 -20.98 -16.48 2.60
C PRO B 196 -20.90 -15.94 4.03
N TYR B 197 -21.52 -16.68 4.95
CA TYR B 197 -21.61 -16.27 6.34
C TYR B 197 -21.28 -17.44 7.24
N PHE B 198 -20.39 -17.22 8.20
CA PHE B 198 -20.06 -18.19 9.21
C PHE B 198 -20.12 -17.56 10.59
N GLU B 199 -20.63 -18.32 11.55
CA GLU B 199 -20.54 -17.96 12.95
C GLU B 199 -19.33 -18.69 13.53
N THR B 200 -18.39 -17.92 14.07
CA THR B 200 -17.08 -18.41 14.44
C THR B 200 -16.81 -18.19 15.92
N SER B 201 -15.86 -18.94 16.46
CA SER B 201 -15.28 -18.60 17.75
C SER B 201 -13.77 -18.76 17.64
N ALA B 202 -13.05 -17.67 17.90
CA ALA B 202 -11.60 -17.75 17.94
C ALA B 202 -11.14 -18.42 19.22
N ALA B 203 -12.00 -18.44 20.24
CA ALA B 203 -11.68 -19.07 21.52
C ALA B 203 -11.54 -20.58 21.39
N ASN B 204 -12.51 -21.23 20.73
CA ASN B 204 -12.50 -22.69 20.63
C ASN B 204 -12.32 -23.21 19.21
N GLY B 205 -12.16 -22.33 18.22
CA GLY B 205 -11.89 -22.76 16.86
C GLY B 205 -13.10 -22.98 15.97
N THR B 206 -14.31 -22.96 16.52
CA THR B 206 -15.51 -23.27 15.75
C THR B 206 -15.58 -22.45 14.48
N ASN B 207 -15.60 -23.13 13.35
CA ASN B 207 -15.83 -22.59 12.00
C ASN B 207 -14.72 -21.67 11.49
N ILE B 208 -13.60 -21.58 12.19
CA ILE B 208 -12.51 -20.73 11.73
C ILE B 208 -11.93 -21.26 10.42
N SER B 209 -11.50 -22.52 10.44
CA SER B 209 -10.97 -23.18 9.24
C SER B 209 -11.95 -23.11 8.09
N GLN B 210 -13.22 -23.34 8.37
CA GLN B 210 -14.23 -23.38 7.31
C GLN B 210 -14.37 -22.01 6.65
N ALA B 211 -14.44 -20.95 7.45
CA ALA B 211 -14.64 -19.63 6.89
C ALA B 211 -13.43 -19.22 6.05
N ILE B 212 -12.22 -19.48 6.54
CA ILE B 212 -11.05 -19.09 5.79
C ILE B 212 -10.85 -19.99 4.57
N GLU B 213 -11.19 -21.27 4.68
CA GLU B 213 -11.12 -22.14 3.50
C GLU B 213 -12.14 -21.72 2.44
N MET B 214 -13.32 -21.26 2.87
CA MET B 214 -14.28 -20.74 1.92
C MET B 214 -13.73 -19.52 1.19
N LEU B 215 -13.05 -18.62 1.90
CA LEU B 215 -12.50 -17.45 1.24
C LEU B 215 -11.40 -17.84 0.26
N LEU B 216 -10.53 -18.76 0.66
CA LEU B 216 -9.48 -19.24 -0.23
C LEU B 216 -10.09 -19.88 -1.48
N ASP B 217 -11.16 -20.65 -1.29
CA ASP B 217 -11.85 -21.28 -2.41
C ASP B 217 -12.35 -20.23 -3.38
N LEU B 218 -13.00 -19.18 -2.87
CA LEU B 218 -13.47 -18.11 -3.74
C LEU B 218 -12.33 -17.51 -4.55
N ILE B 219 -11.18 -17.31 -3.90
CA ILE B 219 -10.07 -16.66 -4.58
C ILE B 219 -9.47 -17.60 -5.63
N MET B 220 -9.24 -18.86 -5.26
CA MET B 220 -8.67 -19.81 -6.21
C MET B 220 -9.59 -20.05 -7.40
N LYS B 221 -10.90 -20.16 -7.17
CA LYS B 221 -11.82 -20.37 -8.28
C LYS B 221 -11.91 -19.14 -9.19
N ARG B 222 -11.83 -17.94 -8.61
CA ARG B 222 -11.85 -16.74 -9.45
C ARG B 222 -10.59 -16.64 -10.30
N MET B 223 -9.47 -17.12 -9.78
CA MET B 223 -8.24 -17.12 -10.56
C MET B 223 -8.32 -18.13 -11.70
N GLU B 224 -8.81 -19.34 -11.42
CA GLU B 224 -8.91 -20.40 -12.42
C GLU B 224 -9.72 -19.95 -13.64
N ARG B 225 -10.76 -19.15 -13.43
CA ARG B 225 -11.59 -18.60 -14.50
C ARG B 225 -10.90 -17.47 -15.28
N SER B 226 -9.62 -17.19 -15.05
CA SER B 226 -8.91 -16.14 -15.77
C SER B 226 -8.00 -16.70 -16.86
#